data_3KW2
#
_entry.id   3KW2
#
_cell.length_a   40.565
_cell.length_b   100.860
_cell.length_c   119.634
_cell.angle_alpha   90.000
_cell.angle_beta   90.000
_cell.angle_gamma   90.000
#
_symmetry.space_group_name_H-M   'P 21 21 21'
#
loop_
_entity.id
_entity.type
_entity.pdbx_description
1 polymer 'Probable r-RNA methyltransferase'
2 non-polymer ADENOSINE
3 water water
#
_entity_poly.entity_id   1
_entity_poly.type   'polypeptide(L)'
_entity_poly.pdbx_seq_one_letter_code
;(MSE)SLSLPLFYAPDIEQSDRLPDDEAGHILRVLR(MSE)QAGDRLRLTDGRGSFFDAVIETADRKSCYVSVCGQESWQ
KPWRDRITIAIAPTKQSER(MSE)EW(MSE)LEKLVEIGVDEVVFIESEHSERRRIKAERLERIAISA(MSE)KQSLKAS
FPVIRVNIPIQTVIADTPKAAVRLIAYVDEAVRAEITQGRGYPSDFYHVGQDVLILIGPEGDFSPSEVESALLAGFAPVS
LGESRLRTETAGLVACQWIHTLQACYRIGEGHHHHHH
;
_entity_poly.pdbx_strand_id   A,B
#
# COMPACT_ATOMS: atom_id res chain seq x y z
N LEU A 5 12.83 17.43 -15.11
CA LEU A 5 11.96 16.72 -14.13
C LEU A 5 10.48 17.26 -14.23
N PRO A 6 9.93 17.89 -13.16
CA PRO A 6 8.49 17.98 -12.76
C PRO A 6 7.45 18.04 -13.90
N LEU A 7 6.29 17.47 -13.67
CA LEU A 7 5.21 17.48 -14.70
C LEU A 7 4.06 18.33 -14.17
N PHE A 8 3.44 19.12 -15.05
CA PHE A 8 2.29 19.94 -14.69
C PHE A 8 1.07 19.52 -15.49
N TYR A 9 -0.11 19.77 -14.92
CA TYR A 9 -1.36 19.36 -15.50
C TYR A 9 -2.01 20.56 -16.20
N ALA A 10 -2.34 20.39 -17.47
CA ALA A 10 -2.92 21.46 -18.26
C ALA A 10 -3.99 20.81 -19.13
N PRO A 11 -5.18 20.59 -18.55
CA PRO A 11 -6.24 19.86 -19.30
C PRO A 11 -6.69 20.53 -20.62
N ASP A 12 -6.54 21.84 -20.73
CA ASP A 12 -7.01 22.54 -21.94
C ASP A 12 -5.87 22.86 -22.91
N ILE A 13 -4.71 22.22 -22.72
CA ILE A 13 -3.53 22.58 -23.51
C ILE A 13 -3.70 22.48 -25.04
N GLU A 14 -4.61 21.63 -25.49
CA GLU A 14 -4.84 21.54 -26.93
C GLU A 14 -5.60 22.74 -27.53
N GLN A 15 -6.26 23.51 -26.69
CA GLN A 15 -6.97 24.69 -27.17
C GLN A 15 -6.54 26.04 -26.58
N SER A 16 -5.56 26.00 -25.68
CA SER A 16 -5.17 27.21 -24.94
C SER A 16 -3.77 27.15 -24.42
N ASP A 17 -3.06 28.26 -24.51
CA ASP A 17 -1.69 28.32 -24.04
C ASP A 17 -1.64 28.83 -22.62
N ARG A 18 -2.78 29.28 -22.07
CA ARG A 18 -2.81 29.72 -20.68
C ARG A 18 -2.90 28.52 -19.73
N LEU A 19 -1.94 28.40 -18.82
CA LEU A 19 -1.91 27.29 -17.84
C LEU A 19 -2.94 27.56 -16.75
N PRO A 20 -3.44 26.50 -16.09
CA PRO A 20 -4.38 26.68 -14.98
C PRO A 20 -3.77 27.56 -13.89
N ASP A 21 -4.62 28.31 -13.19
CA ASP A 21 -4.19 29.23 -12.13
C ASP A 21 -3.25 28.56 -11.16
N ASP A 22 -3.61 27.36 -10.71
CA ASP A 22 -2.82 26.69 -9.65
C ASP A 22 -1.42 26.33 -10.14
N GLU A 23 -1.32 25.78 -11.34
CA GLU A 23 -0.04 25.41 -11.89
C GLU A 23 0.83 26.64 -12.13
N ALA A 24 0.20 27.71 -12.62
CA ALA A 24 0.87 29.00 -12.83
C ALA A 24 1.50 29.52 -11.54
N GLY A 25 0.71 29.54 -10.47
CA GLY A 25 1.17 30.04 -9.19
C GLY A 25 2.42 29.28 -8.79
N HIS A 26 2.33 27.96 -8.84
CA HIS A 26 3.44 27.07 -8.44
C HIS A 26 4.70 27.30 -9.28
N ILE A 27 4.51 27.42 -10.60
CA ILE A 27 5.62 27.54 -11.55
C ILE A 27 6.34 28.87 -11.44
N LEU A 28 5.57 29.94 -11.21
CA LEU A 28 6.17 31.27 -11.21
C LEU A 28 6.58 31.73 -9.82
N ARG A 29 5.68 31.56 -8.85
CA ARG A 29 5.84 31.98 -7.45
C ARG A 29 6.70 31.02 -6.65
N VAL A 30 6.27 29.75 -6.53
CA VAL A 30 7.02 28.73 -5.78
C VAL A 30 8.32 28.30 -6.46
N LEU A 31 8.25 27.85 -7.71
CA LEU A 31 9.45 27.37 -8.41
C LEU A 31 10.27 28.48 -9.03
N ARG A 32 9.68 29.66 -9.16
CA ARG A 32 10.38 30.84 -9.70
C ARG A 32 10.97 30.67 -11.11
N GLN A 34 11.09 31.03 -15.34
CA GLN A 34 11.02 32.24 -16.17
C GLN A 34 10.74 31.97 -17.63
N ALA A 35 10.45 33.04 -18.36
CA ALA A 35 10.26 32.92 -19.79
C ALA A 35 11.50 32.28 -20.41
N GLY A 36 11.28 31.26 -21.23
CA GLY A 36 12.37 30.50 -21.84
C GLY A 36 12.66 29.17 -21.15
N ASP A 37 12.23 29.02 -19.90
CA ASP A 37 12.34 27.73 -19.20
C ASP A 37 11.41 26.67 -19.80
N ARG A 38 11.91 25.45 -19.91
CA ARG A 38 11.17 24.33 -20.48
C ARG A 38 10.30 23.64 -19.45
N LEU A 39 9.17 23.08 -19.90
CA LEU A 39 8.23 22.42 -19.00
C LEU A 39 7.73 21.15 -19.68
N ARG A 40 7.43 20.13 -18.88
CA ARG A 40 6.63 18.98 -19.31
C ARG A 40 5.18 19.16 -18.82
N LEU A 41 4.22 18.91 -19.71
CA LEU A 41 2.81 19.07 -19.40
C LEU A 41 2.09 17.77 -19.70
N THR A 42 0.97 17.53 -19.03
CA THR A 42 0.06 16.46 -19.47
C THR A 42 -1.34 17.03 -19.53
N ASP A 43 -2.14 16.53 -20.48
CA ASP A 43 -3.55 16.88 -20.54
C ASP A 43 -4.44 16.03 -19.64
N GLY A 44 -3.87 14.99 -19.02
CA GLY A 44 -4.65 14.08 -18.21
C GLY A 44 -5.40 13.07 -19.06
N ARG A 45 -5.15 13.04 -20.37
CA ARG A 45 -5.88 12.15 -21.24
C ARG A 45 -4.98 11.31 -22.09
N GLY A 46 -3.75 11.06 -21.62
CA GLY A 46 -2.87 10.11 -22.29
C GLY A 46 -1.72 10.69 -23.07
N SER A 47 -1.57 12.01 -23.06
CA SER A 47 -0.49 12.69 -23.75
C SER A 47 0.42 13.57 -22.89
N PHE A 48 1.71 13.53 -23.23
CA PHE A 48 2.68 14.48 -22.71
C PHE A 48 2.96 15.56 -23.76
N PHE A 49 3.32 16.76 -23.29
CA PHE A 49 3.58 17.91 -24.13
C PHE A 49 4.89 18.55 -23.68
N ASP A 50 5.72 18.91 -24.65
CA ASP A 50 6.89 19.71 -24.43
C ASP A 50 6.48 21.17 -24.64
N ALA A 51 6.86 22.02 -23.70
CA ALA A 51 6.41 23.38 -23.72
C ALA A 51 7.48 24.29 -23.18
N VAL A 52 7.40 25.56 -23.54
CA VAL A 52 8.34 26.54 -23.04
C VAL A 52 7.53 27.71 -22.54
N ILE A 53 7.93 28.29 -21.42
CA ILE A 53 7.27 29.50 -20.92
C ILE A 53 7.45 30.70 -21.86
N GLU A 54 6.35 31.23 -22.37
CA GLU A 54 6.40 32.36 -23.30
C GLU A 54 6.26 33.66 -22.52
N THR A 55 5.35 33.70 -21.56
CA THR A 55 4.96 34.95 -20.94
C THR A 55 4.53 34.74 -19.48
N ALA A 56 5.12 35.51 -18.58
CA ALA A 56 4.77 35.47 -17.16
C ALA A 56 4.17 36.78 -16.70
N ASP A 57 2.91 36.74 -16.31
CA ASP A 57 2.16 37.91 -15.85
C ASP A 57 2.09 37.87 -14.33
N ARG A 58 1.58 38.95 -13.73
CA ARG A 58 1.45 39.04 -12.29
C ARG A 58 0.68 37.85 -11.76
N LYS A 59 -0.32 37.42 -12.53
CA LYS A 59 -1.25 36.37 -12.14
C LYS A 59 -1.07 35.05 -12.91
N SER A 60 -0.69 35.13 -14.19
CA SER A 60 -0.81 33.99 -15.08
C SER A 60 0.46 33.58 -15.81
N CYS A 61 0.45 32.36 -16.33
CA CYS A 61 1.56 31.81 -17.10
C CYS A 61 1.05 31.27 -18.44
N TYR A 62 1.68 31.74 -19.53
CA TYR A 62 1.41 31.30 -20.90
C TYR A 62 2.62 30.61 -21.50
N VAL A 63 2.36 29.55 -22.27
CA VAL A 63 3.43 28.74 -22.81
C VAL A 63 3.27 28.61 -24.30
N SER A 64 4.29 28.10 -24.97
CA SER A 64 4.11 27.61 -26.32
C SER A 64 4.40 26.14 -26.34
N VAL A 65 3.59 25.38 -27.07
CA VAL A 65 3.78 23.94 -27.19
C VAL A 65 4.70 23.58 -28.37
N CYS A 66 5.79 22.86 -28.10
CA CYS A 66 6.76 22.52 -29.15
C CYS A 66 6.62 21.08 -29.59
N GLY A 67 5.87 20.26 -28.87
CA GLY A 67 5.76 18.86 -29.24
C GLY A 67 4.96 18.06 -28.25
N GLN A 68 4.76 16.80 -28.60
CA GLN A 68 3.68 16.02 -28.00
C GLN A 68 3.92 14.55 -28.22
N GLU A 69 3.53 13.71 -27.26
CA GLU A 69 3.59 12.26 -27.44
C GLU A 69 2.51 11.56 -26.63
N SER A 70 2.11 10.39 -27.08
CA SER A 70 1.18 9.56 -26.34
C SER A 70 1.93 8.70 -25.32
N TRP A 71 1.39 8.66 -24.11
CA TRP A 71 2.00 7.91 -23.02
C TRP A 71 1.65 6.46 -23.22
N GLN A 72 2.61 5.57 -23.02
CA GLN A 72 2.21 4.18 -23.00
C GLN A 72 1.95 3.76 -21.55
N LYS A 73 0.68 3.49 -21.27
CA LYS A 73 0.23 3.02 -19.96
C LYS A 73 1.05 1.78 -19.52
N PRO A 74 1.66 1.83 -18.33
CA PRO A 74 2.55 0.74 -17.91
C PRO A 74 1.85 -0.46 -17.27
N TRP A 75 0.60 -0.72 -17.62
CA TRP A 75 -0.01 -1.98 -17.28
C TRP A 75 -0.99 -2.29 -18.39
N ARG A 76 -1.45 -3.53 -18.40
CA ARG A 76 -2.42 -3.99 -19.38
C ARG A 76 -3.83 -3.97 -18.81
N ASP A 77 -4.80 -3.76 -19.69
CA ASP A 77 -6.21 -3.93 -19.36
C ASP A 77 -6.70 -2.79 -18.46
N ARG A 78 -7.96 -2.88 -18.04
N ARG A 78 -7.95 -2.89 -18.01
CA ARG A 78 -8.50 -1.88 -17.14
CA ARG A 78 -8.53 -1.87 -17.15
C ARG A 78 -8.58 -2.53 -15.75
C ARG A 78 -8.74 -2.45 -15.73
N ILE A 79 -8.19 -1.77 -14.74
CA ILE A 79 -8.26 -2.20 -13.33
C ILE A 79 -9.17 -1.25 -12.55
N THR A 80 -10.23 -1.78 -11.99
CA THR A 80 -11.13 -1.00 -11.15
C THR A 80 -11.08 -1.50 -9.72
N ILE A 81 -10.91 -0.61 -8.77
CA ILE A 81 -11.11 -0.95 -7.37
C ILE A 81 -12.41 -0.31 -6.91
N ALA A 82 -13.31 -1.11 -6.39
CA ALA A 82 -14.59 -0.67 -5.90
C ALA A 82 -14.63 -0.98 -4.42
N ILE A 83 -14.67 0.05 -3.61
CA ILE A 83 -14.33 -0.20 -2.22
C ILE A 83 -15.13 0.67 -1.27
N ALA A 84 -15.35 0.19 -0.06
CA ALA A 84 -15.99 0.95 1.02
C ALA A 84 -15.12 2.13 1.46
N PRO A 85 -15.73 3.29 1.75
CA PRO A 85 -14.94 4.39 2.29
C PRO A 85 -14.47 4.09 3.72
N THR A 86 -13.39 4.71 4.15
CA THR A 86 -12.91 4.52 5.52
C THR A 86 -13.63 5.55 6.38
N LYS A 87 -13.74 5.28 7.69
CA LYS A 87 -14.28 6.27 8.65
C LYS A 87 -13.45 7.55 8.61
N GLN A 88 -12.12 7.39 8.68
CA GLN A 88 -11.20 8.52 8.60
C GLN A 88 -10.86 8.74 7.13
N SER A 89 -11.15 9.94 6.62
CA SER A 89 -10.86 10.24 5.22
C SER A 89 -9.38 10.23 4.85
N GLU A 90 -8.50 10.53 5.80
CA GLU A 90 -7.06 10.44 5.54
C GLU A 90 -6.68 9.08 4.94
N ARG A 91 -7.22 8.00 5.53
CA ARG A 91 -6.83 6.63 5.09
C ARG A 91 -7.16 6.33 3.62
N GLU A 93 -7.72 8.56 1.36
CA GLU A 93 -7.00 9.51 0.54
C GLU A 93 -5.55 9.03 0.33
N TRP A 94 -4.92 8.53 1.40
CA TRP A 94 -3.56 7.93 1.29
C TRP A 94 -3.61 6.74 0.31
N LEU A 96 -5.80 6.18 -2.19
CA LEU A 96 -5.99 6.72 -3.55
C LEU A 96 -4.66 7.15 -4.17
N GLU A 97 -3.89 7.95 -3.47
CA GLU A 97 -2.56 8.30 -3.95
C GLU A 97 -1.67 7.10 -4.33
N LYS A 98 -1.64 6.08 -3.46
CA LYS A 98 -0.88 4.86 -3.72
C LYS A 98 -1.36 4.08 -4.91
N LEU A 99 -2.69 3.99 -5.08
CA LEU A 99 -3.26 3.29 -6.22
C LEU A 99 -2.88 3.96 -7.52
N VAL A 100 -2.91 5.29 -7.50
CA VAL A 100 -2.47 6.04 -8.69
C VAL A 100 -1.01 5.76 -9.00
N GLU A 101 -0.18 5.70 -7.96
CA GLU A 101 1.24 5.41 -8.18
C GLU A 101 1.43 4.03 -8.81
N ILE A 102 0.78 3.06 -8.22
CA ILE A 102 0.83 1.67 -8.71
C ILE A 102 0.24 1.44 -10.12
N GLY A 103 -0.95 2.00 -10.36
CA GLY A 103 -1.57 2.00 -11.67
C GLY A 103 -3.00 1.53 -11.44
N VAL A 104 -3.94 2.43 -11.68
CA VAL A 104 -5.36 2.11 -11.57
C VAL A 104 -6.13 2.95 -12.60
N ASP A 105 -7.21 2.36 -13.15
CA ASP A 105 -8.02 3.05 -14.16
C ASP A 105 -9.31 3.62 -13.59
N GLU A 106 -9.81 3.05 -12.51
CA GLU A 106 -11.05 3.54 -11.90
C GLU A 106 -11.12 3.19 -10.44
N VAL A 107 -11.60 4.12 -9.60
CA VAL A 107 -11.77 3.82 -8.15
C VAL A 107 -13.20 4.21 -7.83
N VAL A 108 -13.98 3.26 -7.33
CA VAL A 108 -15.40 3.48 -7.04
C VAL A 108 -15.56 3.37 -5.56
N PHE A 109 -16.00 4.46 -4.93
CA PHE A 109 -16.39 4.36 -3.53
C PHE A 109 -17.82 3.95 -3.45
N ILE A 110 -18.05 2.83 -2.76
CA ILE A 110 -19.36 2.18 -2.76
C ILE A 110 -20.15 2.45 -1.47
N GLU A 111 -21.42 2.06 -1.48
CA GLU A 111 -22.20 1.98 -0.24
C GLU A 111 -22.64 0.51 -0.09
N SER A 112 -22.49 -0.05 1.10
CA SER A 112 -22.91 -1.46 1.35
C SER A 112 -23.63 -1.49 2.70
N GLU A 113 -24.25 -2.62 3.04
CA GLU A 113 -25.08 -2.73 4.25
C GLU A 113 -24.30 -2.24 5.47
N HIS A 114 -23.06 -2.67 5.61
CA HIS A 114 -22.30 -2.30 6.80
C HIS A 114 -21.31 -1.15 6.60
N SER A 115 -21.44 -0.40 5.51
CA SER A 115 -20.44 0.65 5.19
C SER A 115 -20.81 2.00 5.79
N GLU A 116 -19.82 2.89 5.89
CA GLU A 116 -20.03 4.31 6.14
C GLU A 116 -20.95 4.90 5.08
N ARG A 117 -21.87 5.78 5.49
CA ARG A 117 -22.91 6.30 4.58
C ARG A 117 -22.79 7.80 4.22
N ARG A 118 -21.77 8.47 4.73
CA ARG A 118 -21.65 9.92 4.50
C ARG A 118 -21.40 10.22 3.00
N ARG A 119 -21.84 11.40 2.53
CA ARG A 119 -21.62 11.77 1.13
C ARG A 119 -20.14 12.03 1.03
N ILE A 120 -19.52 11.51 -0.02
CA ILE A 120 -18.10 11.71 -0.23
C ILE A 120 -17.97 12.78 -1.30
N LYS A 121 -17.10 13.77 -1.08
CA LYS A 121 -16.84 14.80 -2.12
C LYS A 121 -15.89 14.29 -3.23
N ALA A 122 -16.39 14.18 -4.47
CA ALA A 122 -15.58 13.67 -5.59
C ALA A 122 -14.38 14.59 -5.96
N GLU A 123 -14.58 15.90 -5.83
CA GLU A 123 -13.59 16.86 -6.32
C GLU A 123 -12.26 16.79 -5.55
N ARG A 124 -12.31 16.59 -4.24
CA ARG A 124 -11.07 16.50 -3.50
C ARG A 124 -10.28 15.22 -3.91
N LEU A 125 -11.01 14.15 -4.19
CA LEU A 125 -10.39 12.89 -4.58
C LEU A 125 -9.77 13.00 -5.97
N GLU A 126 -10.50 13.66 -6.89
N GLU A 126 -10.49 13.66 -6.88
CA GLU A 126 -9.95 14.00 -8.21
CA GLU A 126 -9.91 13.91 -8.20
C GLU A 126 -8.62 14.73 -8.09
C GLU A 126 -8.64 14.76 -8.13
N ARG A 127 -8.58 15.76 -7.25
CA ARG A 127 -7.34 16.55 -7.07
C ARG A 127 -6.19 15.71 -6.53
N ILE A 128 -6.52 14.75 -5.68
CA ILE A 128 -5.48 13.90 -5.08
C ILE A 128 -4.93 12.97 -6.19
N ALA A 129 -5.83 12.42 -7.00
CA ALA A 129 -5.43 11.59 -8.13
C ALA A 129 -4.58 12.33 -9.15
N ILE A 130 -5.00 13.55 -9.49
CA ILE A 130 -4.19 14.46 -10.33
C ILE A 130 -2.83 14.70 -9.74
N SER A 131 -2.80 14.98 -8.45
CA SER A 131 -1.50 15.19 -7.81
C SER A 131 -0.60 13.95 -7.91
N ALA A 132 -1.15 12.76 -7.64
CA ALA A 132 -0.36 11.52 -7.74
C ALA A 132 0.03 11.20 -9.19
N LYS A 134 0.82 13.47 -11.53
CA LYS A 134 1.99 14.30 -11.82
C LYS A 134 3.22 13.80 -11.08
N GLN A 135 3.06 13.51 -9.79
CA GLN A 135 4.19 12.98 -9.00
C GLN A 135 4.81 11.73 -9.59
N SER A 136 3.98 10.80 -10.08
CA SER A 136 4.49 9.54 -10.64
C SER A 136 4.71 9.57 -12.16
N LEU A 137 4.56 10.75 -12.77
CA LEU A 137 4.86 10.97 -14.20
C LEU A 137 3.95 10.17 -15.08
N LYS A 138 2.66 10.26 -14.84
CA LYS A 138 1.74 9.51 -15.67
C LYS A 138 0.98 10.56 -16.49
N ALA A 139 0.24 10.12 -17.52
CA ALA A 139 -0.43 11.09 -18.37
C ALA A 139 -1.92 10.89 -18.24
N SER A 140 -2.33 10.05 -17.30
CA SER A 140 -3.75 9.92 -17.05
C SER A 140 -4.04 9.72 -15.56
N PHE A 141 -5.29 9.94 -15.15
CA PHE A 141 -5.68 9.71 -13.74
C PHE A 141 -7.01 8.94 -13.71
N PRO A 142 -7.27 8.21 -12.61
CA PRO A 142 -8.44 7.32 -12.79
C PRO A 142 -9.79 8.05 -12.75
N VAL A 143 -10.81 7.38 -13.30
CA VAL A 143 -12.17 7.77 -13.09
C VAL A 143 -12.45 7.56 -11.62
N ILE A 144 -13.03 8.55 -10.95
CA ILE A 144 -13.48 8.43 -9.57
C ILE A 144 -15.02 8.48 -9.49
N ARG A 145 -15.62 7.54 -8.73
N ARG A 145 -15.61 7.54 -8.74
CA ARG A 145 -17.06 7.56 -8.51
CA ARG A 145 -17.04 7.56 -8.47
C ARG A 145 -17.30 7.41 -7.00
C ARG A 145 -17.26 7.49 -6.97
N VAL A 146 -18.35 8.07 -6.50
CA VAL A 146 -18.61 8.15 -5.07
C VAL A 146 -20.07 7.80 -4.73
N ASN A 147 -20.26 7.20 -3.58
CA ASN A 147 -21.57 6.80 -3.06
C ASN A 147 -22.35 5.88 -3.97
N ILE A 148 -21.65 4.91 -4.58
CA ILE A 148 -22.31 4.01 -5.55
C ILE A 148 -22.83 2.80 -4.82
N PRO A 149 -24.16 2.53 -4.91
CA PRO A 149 -24.66 1.37 -4.18
C PRO A 149 -23.97 0.10 -4.65
N ILE A 150 -23.73 -0.80 -3.71
CA ILE A 150 -23.09 -2.07 -4.09
C ILE A 150 -23.87 -2.84 -5.19
N GLN A 151 -25.19 -2.75 -5.15
CA GLN A 151 -25.98 -3.52 -6.14
C GLN A 151 -25.85 -2.94 -7.54
N THR A 152 -25.55 -1.65 -7.66
CA THR A 152 -25.23 -1.06 -8.94
C THR A 152 -23.92 -1.59 -9.50
N VAL A 153 -22.91 -1.67 -8.65
CA VAL A 153 -21.64 -2.27 -9.05
C VAL A 153 -21.83 -3.74 -9.52
N ILE A 154 -22.52 -4.51 -8.72
CA ILE A 154 -22.79 -5.92 -9.03
C ILE A 154 -23.55 -6.08 -10.36
N ALA A 155 -24.63 -5.33 -10.55
CA ALA A 155 -25.45 -5.45 -11.77
C ALA A 155 -24.84 -4.86 -13.01
N ASP A 156 -24.24 -3.67 -12.89
CA ASP A 156 -23.85 -2.90 -14.04
C ASP A 156 -22.37 -2.93 -14.46
N THR A 157 -21.49 -3.56 -13.67
CA THR A 157 -20.12 -3.74 -14.16
C THR A 157 -20.12 -4.53 -15.48
N PRO A 158 -19.52 -3.98 -16.54
CA PRO A 158 -19.41 -4.76 -17.79
C PRO A 158 -18.99 -6.21 -17.49
N LYS A 159 -19.81 -7.14 -17.98
CA LYS A 159 -19.62 -8.54 -17.65
C LYS A 159 -18.42 -9.23 -18.36
N ALA A 160 -17.82 -8.58 -19.35
CA ALA A 160 -16.58 -9.14 -19.97
C ALA A 160 -15.39 -9.08 -18.98
N ALA A 161 -15.52 -8.25 -17.95
CA ALA A 161 -14.53 -8.13 -16.86
C ALA A 161 -14.57 -9.34 -15.93
N VAL A 162 -13.40 -9.80 -15.50
CA VAL A 162 -13.26 -10.67 -14.34
C VAL A 162 -13.64 -9.75 -13.17
N ARG A 163 -14.58 -10.20 -12.34
CA ARG A 163 -15.21 -9.45 -11.26
C ARG A 163 -15.00 -10.29 -10.01
N LEU A 164 -14.16 -9.78 -9.11
CA LEU A 164 -13.78 -10.50 -7.93
C LEU A 164 -14.44 -9.87 -6.74
N ILE A 165 -14.87 -10.66 -5.76
CA ILE A 165 -15.33 -10.06 -4.53
C ILE A 165 -14.54 -10.60 -3.39
N ALA A 166 -13.89 -9.71 -2.63
CA ALA A 166 -13.03 -10.10 -1.52
C ALA A 166 -13.81 -10.08 -0.20
N TYR A 167 -13.66 -11.11 0.63
CA TYR A 167 -14.20 -11.05 2.01
C TYR A 167 -13.37 -11.89 2.99
N VAL A 168 -13.45 -11.57 4.27
CA VAL A 168 -12.56 -12.18 5.28
C VAL A 168 -13.27 -12.83 6.45
N ASP A 169 -14.15 -12.04 7.09
CA ASP A 169 -14.70 -12.33 8.43
C ASP A 169 -15.25 -13.76 8.52
N GLU A 170 -14.85 -14.48 9.56
CA GLU A 170 -15.23 -15.89 9.76
C GLU A 170 -16.73 -16.14 9.61
N ALA A 171 -17.53 -15.24 10.21
CA ALA A 171 -19.00 -15.32 10.21
C ALA A 171 -19.63 -15.50 8.82
N VAL A 172 -19.06 -14.84 7.80
CA VAL A 172 -19.56 -14.94 6.42
C VAL A 172 -19.37 -16.36 5.82
N ARG A 173 -20.29 -17.28 6.17
CA ARG A 173 -20.23 -18.68 5.69
C ARG A 173 -20.75 -18.86 4.25
N GLY A 179 -16.13 -21.60 -0.44
CA GLY A 179 -14.67 -21.46 -0.36
C GLY A 179 -14.17 -20.32 -1.23
N ARG A 180 -13.00 -19.79 -0.91
CA ARG A 180 -12.50 -18.62 -1.65
C ARG A 180 -11.55 -18.79 -2.87
N GLY A 181 -10.32 -19.28 -2.71
CA GLY A 181 -9.35 -19.13 -3.84
C GLY A 181 -8.74 -17.70 -3.96
N TYR A 182 -7.81 -17.51 -4.88
CA TYR A 182 -7.07 -16.24 -4.96
C TYR A 182 -7.31 -15.54 -6.29
N PRO A 183 -6.85 -14.27 -6.44
CA PRO A 183 -7.03 -13.60 -7.71
C PRO A 183 -6.35 -14.33 -8.87
N SER A 184 -5.27 -15.03 -8.60
CA SER A 184 -4.56 -15.80 -9.62
C SER A 184 -5.40 -16.93 -10.25
N ASP A 185 -6.48 -17.32 -9.58
CA ASP A 185 -7.39 -18.37 -10.04
C ASP A 185 -8.37 -17.88 -11.06
N PHE A 186 -8.53 -16.55 -11.14
CA PHE A 186 -9.60 -15.99 -11.95
C PHE A 186 -9.15 -14.92 -12.93
N TYR A 187 -8.08 -14.22 -12.59
CA TYR A 187 -7.60 -13.13 -13.43
C TYR A 187 -6.75 -13.60 -14.60
N HIS A 188 -7.11 -13.19 -15.81
CA HIS A 188 -6.29 -13.53 -16.99
C HIS A 188 -5.85 -12.23 -17.63
N VAL A 189 -4.57 -12.09 -17.94
CA VAL A 189 -4.08 -10.92 -18.69
C VAL A 189 -4.88 -10.90 -20.01
N GLY A 190 -5.30 -9.74 -20.50
CA GLY A 190 -6.14 -9.70 -21.71
C GLY A 190 -7.58 -9.33 -21.42
N GLN A 191 -7.98 -9.50 -20.16
CA GLN A 191 -9.30 -9.12 -19.69
C GLN A 191 -9.25 -7.98 -18.65
N ASP A 192 -10.27 -7.13 -18.64
CA ASP A 192 -10.45 -6.10 -17.60
C ASP A 192 -10.74 -6.78 -16.26
N VAL A 193 -10.50 -6.08 -15.16
CA VAL A 193 -10.70 -6.65 -13.83
C VAL A 193 -11.28 -5.59 -12.86
N LEU A 194 -12.27 -6.03 -12.09
CA LEU A 194 -12.81 -5.25 -11.02
C LEU A 194 -12.75 -6.09 -9.75
N ILE A 195 -12.25 -5.46 -8.69
CA ILE A 195 -12.27 -6.02 -7.37
C ILE A 195 -13.13 -5.20 -6.39
N LEU A 196 -14.03 -5.91 -5.74
CA LEU A 196 -14.96 -5.32 -4.80
C LEU A 196 -14.47 -5.64 -3.40
N ILE A 197 -14.26 -4.59 -2.58
CA ILE A 197 -13.69 -4.73 -1.23
C ILE A 197 -14.63 -4.06 -0.22
N GLY A 198 -14.97 -4.79 0.84
CA GLY A 198 -15.96 -4.33 1.81
C GLY A 198 -15.50 -3.47 2.97
N PRO A 199 -16.45 -3.05 3.82
CA PRO A 199 -16.15 -2.21 4.98
C PRO A 199 -15.56 -3.01 6.14
N GLU A 200 -15.20 -2.29 7.19
CA GLU A 200 -14.71 -2.91 8.42
C GLU A 200 -15.58 -4.09 8.90
N GLY A 201 -16.89 -3.97 8.78
CA GLY A 201 -17.78 -5.08 9.11
C GLY A 201 -18.06 -6.12 8.02
N ASP A 202 -17.28 -6.06 6.93
CA ASP A 202 -17.43 -6.95 5.76
C ASP A 202 -18.75 -6.81 5.01
N PHE A 203 -18.81 -7.49 3.87
CA PHE A 203 -20.04 -7.62 3.12
C PHE A 203 -20.99 -8.55 3.88
N SER A 204 -22.27 -8.42 3.63
CA SER A 204 -23.22 -9.34 4.22
C SER A 204 -23.23 -10.62 3.39
N PRO A 205 -23.57 -11.78 4.02
CA PRO A 205 -23.86 -12.99 3.23
C PRO A 205 -24.76 -12.71 2.01
N SER A 206 -25.82 -11.93 2.22
N SER A 206 -25.82 -11.93 2.22
CA SER A 206 -26.76 -11.57 1.16
CA SER A 206 -26.76 -11.57 1.15
C SER A 206 -26.12 -10.79 0.00
C SER A 206 -26.09 -10.80 -0.01
N GLU A 207 -25.17 -9.90 0.33
CA GLU A 207 -24.41 -9.15 -0.68
C GLU A 207 -23.52 -10.12 -1.49
N VAL A 208 -22.80 -11.00 -0.80
CA VAL A 208 -21.97 -12.02 -1.45
C VAL A 208 -22.76 -12.94 -2.42
N GLU A 209 -23.95 -13.38 -1.99
CA GLU A 209 -24.75 -14.29 -2.84
C GLU A 209 -25.14 -13.58 -4.11
N SER A 210 -25.57 -12.33 -3.96
CA SER A 210 -25.89 -11.50 -5.09
C SER A 210 -24.66 -11.29 -6.02
N ALA A 211 -23.51 -10.98 -5.45
CA ALA A 211 -22.27 -10.91 -6.23
C ALA A 211 -22.03 -12.19 -7.01
N LEU A 212 -22.01 -13.33 -6.31
CA LEU A 212 -21.80 -14.63 -6.98
C LEU A 212 -22.86 -14.94 -8.05
N LEU A 213 -24.13 -14.66 -7.75
CA LEU A 213 -25.19 -14.89 -8.73
C LEU A 213 -24.87 -14.15 -10.00
N ALA A 214 -24.37 -12.92 -9.87
CA ALA A 214 -24.04 -12.12 -11.05
C ALA A 214 -22.74 -12.53 -11.79
N GLY A 215 -21.96 -13.44 -11.23
CA GLY A 215 -20.77 -13.93 -11.94
C GLY A 215 -19.47 -13.44 -11.30
N PHE A 216 -19.59 -12.82 -10.13
CA PHE A 216 -18.38 -12.47 -9.36
C PHE A 216 -17.76 -13.74 -8.80
N ALA A 217 -16.45 -13.75 -8.61
CA ALA A 217 -15.75 -14.88 -8.02
C ALA A 217 -15.24 -14.47 -6.61
N PRO A 218 -15.48 -15.32 -5.59
CA PRO A 218 -15.07 -14.95 -4.24
C PRO A 218 -13.55 -15.19 -4.07
N VAL A 219 -12.83 -14.19 -3.55
CA VAL A 219 -11.40 -14.33 -3.37
C VAL A 219 -10.95 -13.91 -2.01
N SER A 220 -9.83 -14.51 -1.62
CA SER A 220 -9.08 -14.06 -0.48
C SER A 220 -7.93 -13.24 -1.07
N LEU A 221 -7.45 -12.28 -0.29
CA LEU A 221 -6.29 -11.44 -0.69
C LEU A 221 -5.01 -11.91 0.01
N GLY A 222 -5.15 -12.89 0.92
CA GLY A 222 -4.04 -13.39 1.72
C GLY A 222 -4.53 -13.75 3.12
N GLU A 223 -3.62 -14.19 3.96
CA GLU A 223 -3.97 -14.71 5.28
C GLU A 223 -3.98 -13.66 6.38
N SER A 224 -3.47 -12.46 6.10
CA SER A 224 -3.49 -11.36 7.07
C SER A 224 -4.81 -10.59 7.03
N ARG A 225 -5.20 -10.10 8.19
CA ARG A 225 -6.39 -9.26 8.32
C ARG A 225 -5.99 -7.78 8.09
N LEU A 226 -6.41 -7.25 6.94
CA LEU A 226 -6.02 -5.94 6.44
C LEU A 226 -7.07 -4.90 6.73
N ARG A 227 -6.66 -3.65 6.96
CA ARG A 227 -7.61 -2.54 6.99
C ARG A 227 -8.16 -2.35 5.59
N THR A 228 -9.32 -1.75 5.52
CA THR A 228 -9.98 -1.51 4.24
C THR A 228 -9.03 -0.89 3.21
N GLU A 229 -8.35 0.18 3.59
CA GLU A 229 -7.55 0.93 2.62
C GLU A 229 -6.34 0.08 2.17
N THR A 230 -5.85 -0.77 3.07
CA THR A 230 -4.68 -1.61 2.76
C THR A 230 -5.15 -2.71 1.84
N ALA A 231 -6.40 -3.17 2.03
CA ALA A 231 -6.93 -4.21 1.12
C ALA A 231 -7.11 -3.64 -0.30
N GLY A 232 -7.52 -2.37 -0.44
CA GLY A 232 -7.57 -1.74 -1.82
C GLY A 232 -6.19 -1.82 -2.51
N LEU A 233 -5.18 -1.36 -1.78
CA LEU A 233 -3.81 -1.44 -2.29
C LEU A 233 -3.31 -2.83 -2.65
N VAL A 234 -3.50 -3.78 -1.74
CA VAL A 234 -3.11 -5.16 -1.98
C VAL A 234 -3.82 -5.78 -3.18
N ALA A 235 -5.13 -5.56 -3.29
CA ALA A 235 -5.90 -6.06 -4.42
C ALA A 235 -5.36 -5.50 -5.76
N CYS A 236 -5.05 -4.21 -5.81
CA CYS A 236 -4.53 -3.61 -7.03
C CYS A 236 -3.13 -4.17 -7.36
N GLN A 237 -2.31 -4.31 -6.32
CA GLN A 237 -0.98 -4.89 -6.52
C GLN A 237 -1.01 -6.37 -6.93
N TRP A 238 -1.90 -7.16 -6.36
CA TRP A 238 -2.17 -8.51 -6.90
C TRP A 238 -2.19 -8.52 -8.43
N ILE A 239 -2.96 -7.63 -9.03
CA ILE A 239 -3.08 -7.56 -10.50
C ILE A 239 -1.78 -7.27 -11.20
N HIS A 240 -1.07 -6.22 -10.76
CA HIS A 240 0.23 -5.89 -11.31
C HIS A 240 1.24 -7.03 -11.17
N THR A 241 1.24 -7.64 -10.00
CA THR A 241 2.14 -8.76 -9.74
C THR A 241 1.85 -9.91 -10.70
N LEU A 242 0.57 -10.23 -10.89
CA LEU A 242 0.19 -11.28 -11.81
C LEU A 242 0.53 -10.95 -13.26
N GLN A 243 0.38 -9.70 -13.67
CA GLN A 243 0.82 -9.31 -15.02
C GLN A 243 2.34 -9.49 -15.19
N ALA A 244 3.12 -9.22 -14.16
CA ALA A 244 4.55 -9.44 -14.25
C ALA A 244 4.91 -10.94 -14.16
N CYS A 245 4.59 -11.58 -13.05
CA CYS A 245 5.11 -12.93 -12.82
C CYS A 245 4.47 -13.99 -13.74
N TYR A 246 3.49 -13.58 -14.55
CA TYR A 246 2.91 -14.44 -15.58
C TYR A 246 3.23 -14.08 -17.03
N ARG A 247 4.28 -13.29 -17.24
N ARG A 247 4.28 -13.28 -17.24
CA ARG A 247 4.76 -13.02 -18.60
CA ARG A 247 4.79 -13.06 -18.58
C ARG A 247 5.44 -14.27 -19.16
C ARG A 247 5.34 -14.37 -19.13
N ILE A 248 5.12 -14.59 -20.42
CA ILE A 248 5.63 -15.76 -21.11
C ILE A 248 6.79 -15.34 -22.01
N GLY A 249 7.89 -16.11 -21.98
CA GLY A 249 9.08 -15.79 -22.77
C GLY A 249 10.37 -16.06 -22.00
N LEU B 5 -13.53 -9.51 18.36
CA LEU B 5 -12.94 -9.14 19.68
C LEU B 5 -11.66 -8.31 19.48
N PRO B 6 -11.51 -7.19 20.22
CA PRO B 6 -10.27 -6.42 20.12
C PRO B 6 -9.13 -7.06 20.91
N LEU B 7 -7.91 -6.80 20.50
CA LEU B 7 -6.73 -7.42 21.10
C LEU B 7 -5.97 -6.30 21.81
N PHE B 8 -5.49 -6.55 23.00
CA PHE B 8 -4.70 -5.54 23.69
C PHE B 8 -3.31 -6.06 23.95
N TYR B 9 -2.39 -5.13 24.15
CA TYR B 9 -0.97 -5.44 24.28
C TYR B 9 -0.56 -5.36 25.75
N ALA B 10 -0.01 -6.45 26.27
CA ALA B 10 0.43 -6.52 27.67
C ALA B 10 1.77 -7.25 27.71
N PRO B 11 2.88 -6.54 27.42
CA PRO B 11 4.17 -7.23 27.26
C PRO B 11 4.63 -7.94 28.53
N ASP B 12 4.18 -7.44 29.68
CA ASP B 12 4.61 -7.98 30.97
C ASP B 12 3.67 -9.03 31.57
N ILE B 13 2.69 -9.48 30.79
CA ILE B 13 1.62 -10.34 31.28
C ILE B 13 2.10 -11.58 32.06
N GLU B 14 3.31 -12.05 31.81
CA GLU B 14 3.76 -13.27 32.50
C GLU B 14 4.31 -12.99 33.90
N GLN B 15 4.57 -11.72 34.20
CA GLN B 15 5.13 -11.31 35.48
C GLN B 15 4.17 -10.44 36.26
N SER B 16 3.14 -9.94 35.58
CA SER B 16 2.30 -8.94 36.20
C SER B 16 0.87 -9.04 35.68
N ASP B 17 -0.09 -8.90 36.59
CA ASP B 17 -1.50 -8.93 36.24
C ASP B 17 -2.08 -7.52 36.13
N ARG B 18 -1.21 -6.51 36.27
CA ARG B 18 -1.60 -5.13 36.02
C ARG B 18 -1.40 -4.83 34.53
N LEU B 19 -2.42 -4.29 33.89
CA LEU B 19 -2.33 -3.93 32.48
C LEU B 19 -1.56 -2.62 32.33
N PRO B 20 -0.88 -2.44 31.18
CA PRO B 20 -0.28 -1.13 30.89
C PRO B 20 -1.35 -0.05 30.93
N ASP B 21 -0.98 1.15 31.39
CA ASP B 21 -1.92 2.26 31.55
C ASP B 21 -2.74 2.63 30.33
N ASP B 22 -2.10 2.72 29.16
CA ASP B 22 -2.84 3.13 27.97
C ASP B 22 -3.96 2.12 27.65
N GLU B 23 -3.67 0.83 27.82
CA GLU B 23 -4.68 -0.21 27.58
C GLU B 23 -5.78 -0.17 28.65
N ALA B 24 -5.37 -0.04 29.92
CA ALA B 24 -6.29 0.04 31.06
C ALA B 24 -7.32 1.15 30.88
N GLY B 25 -6.83 2.37 30.67
CA GLY B 25 -7.65 3.53 30.29
C GLY B 25 -8.62 3.28 29.14
N HIS B 26 -8.12 2.71 28.04
CA HIS B 26 -9.00 2.39 26.92
C HIS B 26 -10.10 1.39 27.28
N ILE B 27 -9.76 0.38 28.04
CA ILE B 27 -10.68 -0.70 28.39
C ILE B 27 -11.78 -0.24 29.35
N LEU B 28 -11.40 0.55 30.34
CA LEU B 28 -12.33 0.88 31.39
C LEU B 28 -13.04 2.19 31.09
N ARG B 29 -12.27 3.19 30.67
CA ARG B 29 -12.76 4.56 30.53
C ARG B 29 -13.33 4.87 29.14
N VAL B 30 -12.78 4.26 28.10
CA VAL B 30 -13.30 4.46 26.76
C VAL B 30 -14.27 3.35 26.35
N LEU B 31 -13.91 2.10 26.61
CA LEU B 31 -14.70 0.95 26.19
C LEU B 31 -15.73 0.58 27.26
N ARG B 32 -15.49 1.06 28.49
CA ARG B 32 -16.41 0.86 29.60
C ARG B 32 -16.58 -0.60 30.04
N GLN B 34 -15.97 -4.00 32.34
CA GLN B 34 -15.93 -4.09 33.80
C GLN B 34 -15.41 -5.45 34.26
N ALA B 35 -15.18 -5.60 35.57
CA ALA B 35 -14.64 -6.84 36.10
C ALA B 35 -15.56 -7.99 35.74
N GLY B 36 -14.96 -9.13 35.43
CA GLY B 36 -15.71 -10.28 34.89
C GLY B 36 -15.72 -10.34 33.35
N ASP B 37 -15.46 -9.22 32.69
CA ASP B 37 -15.40 -9.20 31.22
C ASP B 37 -14.15 -9.89 30.65
N ARG B 38 -14.32 -10.60 29.54
CA ARG B 38 -13.23 -11.33 28.93
C ARG B 38 -12.41 -10.45 28.00
N LEU B 39 -11.10 -10.74 27.92
CA LEU B 39 -10.18 -9.99 27.07
C LEU B 39 -9.25 -10.94 26.34
N ARG B 40 -8.71 -10.45 25.23
CA ARG B 40 -7.63 -11.11 24.49
C ARG B 40 -6.42 -10.21 24.56
N LEU B 41 -5.30 -10.79 25.01
CA LEU B 41 -4.04 -10.08 25.15
C LEU B 41 -3.01 -10.72 24.27
N THR B 42 -2.00 -9.95 23.92
CA THR B 42 -0.79 -10.55 23.39
C THR B 42 0.35 -9.95 24.17
N ASP B 43 1.45 -10.71 24.29
CA ASP B 43 2.67 -10.16 24.85
C ASP B 43 3.58 -9.55 23.78
N GLY B 44 3.18 -9.71 22.51
CA GLY B 44 3.94 -9.20 21.36
C GLY B 44 5.18 -10.03 21.04
N ARG B 45 5.23 -11.23 21.60
CA ARG B 45 6.38 -12.11 21.50
C ARG B 45 5.91 -13.45 21.01
N GLY B 46 4.74 -13.50 20.40
CA GLY B 46 4.28 -14.72 19.75
C GLY B 46 3.15 -15.49 20.43
N SER B 47 2.70 -15.02 21.60
CA SER B 47 1.58 -15.62 22.35
C SER B 47 0.33 -14.75 22.43
N PHE B 48 -0.83 -15.39 22.34
CA PHE B 48 -2.09 -14.80 22.78
C PHE B 48 -2.47 -15.37 24.16
N PHE B 49 -3.17 -14.56 24.95
CA PHE B 49 -3.66 -14.97 26.26
C PHE B 49 -5.13 -14.63 26.39
N ASP B 50 -5.85 -15.55 27.01
CA ASP B 50 -7.23 -15.31 27.37
C ASP B 50 -7.20 -14.74 28.77
N ALA B 51 -7.91 -13.64 28.97
CA ALA B 51 -7.89 -13.01 30.28
C ALA B 51 -9.27 -12.54 30.70
N VAL B 52 -9.41 -12.26 32.00
CA VAL B 52 -10.63 -11.69 32.58
C VAL B 52 -10.24 -10.50 33.45
N ILE B 53 -11.00 -9.42 33.34
CA ILE B 53 -10.81 -8.30 34.23
C ILE B 53 -11.17 -8.71 35.67
N GLU B 54 -10.25 -8.48 36.61
CA GLU B 54 -10.50 -8.87 38.01
C GLU B 54 -10.86 -7.71 38.90
N THR B 55 -10.21 -6.58 38.67
CA THR B 55 -10.23 -5.46 39.59
C THR B 55 -9.95 -4.22 38.80
N ALA B 56 -10.72 -3.17 39.03
CA ALA B 56 -10.40 -1.85 38.51
C ALA B 56 -10.28 -0.83 39.66
N ASP B 57 -9.23 -0.02 39.58
CA ASP B 57 -8.91 1.00 40.57
C ASP B 57 -9.07 2.37 39.99
N ARG B 58 -8.93 3.37 40.85
CA ARG B 58 -8.89 4.74 40.42
C ARG B 58 -7.68 4.94 39.50
N LYS B 59 -6.74 3.99 39.52
CA LYS B 59 -5.52 4.09 38.70
C LYS B 59 -5.16 2.89 37.81
N SER B 60 -5.59 1.68 38.18
CA SER B 60 -5.13 0.44 37.55
C SER B 60 -6.22 -0.55 37.15
N CYS B 61 -5.90 -1.39 36.16
CA CYS B 61 -6.75 -2.50 35.79
C CYS B 61 -5.98 -3.81 35.94
N TYR B 62 -6.48 -4.69 36.80
CA TYR B 62 -5.88 -5.98 37.06
C TYR B 62 -6.68 -7.12 36.39
N VAL B 63 -5.98 -8.07 35.78
CA VAL B 63 -6.63 -9.18 35.09
C VAL B 63 -6.16 -10.50 35.66
N SER B 64 -6.92 -11.55 35.42
CA SER B 64 -6.40 -12.90 35.61
C SER B 64 -6.34 -13.59 34.26
N VAL B 65 -5.29 -14.36 34.05
CA VAL B 65 -5.03 -15.05 32.77
C VAL B 65 -5.54 -16.48 32.82
N CYS B 66 -6.43 -16.85 31.90
CA CYS B 66 -7.05 -18.18 31.91
C CYS B 66 -6.86 -18.98 30.62
N GLY B 67 -5.77 -18.72 29.91
CA GLY B 67 -5.43 -19.48 28.68
C GLY B 67 -4.28 -18.81 27.93
N GLN B 68 -3.42 -19.61 27.30
CA GLN B 68 -2.28 -19.10 26.53
C GLN B 68 -2.01 -19.99 25.34
N GLU B 69 -1.78 -19.37 24.18
CA GLU B 69 -1.52 -20.08 22.93
C GLU B 69 -0.46 -19.42 22.05
N SER B 70 0.28 -20.24 21.32
CA SER B 70 1.27 -19.75 20.37
C SER B 70 0.59 -19.38 19.06
N TRP B 71 0.91 -18.19 18.58
CA TRP B 71 0.40 -17.69 17.31
C TRP B 71 1.02 -18.42 16.13
N GLN B 72 0.18 -18.74 15.16
CA GLN B 72 0.53 -19.25 13.84
C GLN B 72 0.71 -18.08 12.84
N LYS B 73 1.95 -17.67 12.63
CA LYS B 73 2.30 -16.57 11.72
C LYS B 73 1.62 -16.82 10.35
N PRO B 74 0.86 -15.85 9.81
CA PRO B 74 0.14 -16.12 8.54
C PRO B 74 1.00 -16.00 7.26
N TRP B 75 2.31 -16.18 7.37
CA TRP B 75 3.12 -16.32 6.16
C TRP B 75 4.25 -17.29 6.47
N ARG B 76 4.96 -17.73 5.44
CA ARG B 76 6.12 -18.63 5.56
C ARG B 76 7.45 -17.88 5.44
N ASP B 77 8.51 -18.45 6.01
CA ASP B 77 9.87 -17.90 5.94
C ASP B 77 9.98 -16.54 6.64
N ARG B 78 11.12 -15.91 6.46
CA ARG B 78 11.32 -14.61 7.02
C ARG B 78 11.38 -13.55 5.90
N ILE B 79 10.70 -12.42 6.12
CA ILE B 79 10.68 -11.30 5.16
C ILE B 79 11.31 -10.07 5.80
N THR B 80 12.34 -9.53 5.15
CA THR B 80 12.98 -8.33 5.63
C THR B 80 12.90 -7.31 4.54
N ILE B 81 12.52 -6.10 4.91
CA ILE B 81 12.57 -4.95 4.02
C ILE B 81 13.68 -4.05 4.57
N ALA B 82 14.68 -3.76 3.74
CA ALA B 82 15.79 -2.92 4.10
C ALA B 82 15.67 -1.73 3.16
N ILE B 83 15.44 -0.56 3.72
CA ILE B 83 15.00 0.57 2.92
C ILE B 83 15.64 1.87 3.40
N ALA B 84 15.90 2.79 2.45
CA ALA B 84 16.32 4.13 2.73
C ALA B 84 15.15 4.92 3.32
N PRO B 85 15.41 5.74 4.39
CA PRO B 85 14.31 6.49 4.98
C PRO B 85 13.96 7.70 4.11
N THR B 86 12.68 8.06 4.07
CA THR B 86 12.25 9.26 3.35
C THR B 86 12.59 10.48 4.17
N LYS B 87 12.73 11.63 3.49
CA LYS B 87 12.96 12.92 4.13
C LYS B 87 11.96 13.20 5.26
N GLN B 88 10.68 12.94 4.99
CA GLN B 88 9.59 13.12 5.92
C GLN B 88 9.26 11.79 6.62
N SER B 89 9.19 11.82 7.94
CA SER B 89 8.98 10.58 8.68
C SER B 89 7.54 10.05 8.59
N GLU B 90 6.58 10.92 8.29
CA GLU B 90 5.19 10.52 8.12
C GLU B 90 5.04 9.43 7.07
N ARG B 91 5.73 9.55 5.94
CA ARG B 91 5.71 8.47 4.93
C ARG B 91 6.17 7.12 5.46
N GLU B 93 6.02 6.25 8.71
CA GLU B 93 5.00 5.83 9.65
C GLU B 93 3.86 5.08 8.96
N TRP B 94 3.34 5.64 7.85
CA TRP B 94 2.32 4.97 7.03
C TRP B 94 2.79 3.63 6.50
N LEU B 96 5.21 1.61 7.59
CA LEU B 96 5.39 0.60 8.65
C LEU B 96 4.04 0.03 9.08
N GLU B 97 3.08 0.89 9.38
CA GLU B 97 1.72 0.37 9.64
C GLU B 97 1.25 -0.69 8.63
N LYS B 98 1.36 -0.39 7.33
CA LYS B 98 0.86 -1.33 6.33
C LYS B 98 1.70 -2.55 6.21
N LEU B 99 3.00 -2.39 6.40
CA LEU B 99 3.90 -3.57 6.35
C LEU B 99 3.52 -4.55 7.46
N VAL B 100 3.19 -4.00 8.62
CA VAL B 100 2.80 -4.86 9.75
C VAL B 100 1.49 -5.58 9.44
N GLU B 101 0.52 -4.86 8.86
CA GLU B 101 -0.70 -5.51 8.41
C GLU B 101 -0.44 -6.63 7.45
N ILE B 102 0.37 -6.33 6.42
CA ILE B 102 0.58 -7.26 5.35
C ILE B 102 1.39 -8.46 5.82
N GLY B 103 2.44 -8.20 6.57
CA GLY B 103 3.22 -9.26 7.19
C GLY B 103 4.69 -9.07 6.91
N VAL B 104 5.42 -8.70 7.95
CA VAL B 104 6.87 -8.56 7.76
C VAL B 104 7.55 -8.95 9.07
N ASP B 105 8.77 -9.47 8.96
CA ASP B 105 9.57 -9.90 10.14
C ASP B 105 10.62 -8.89 10.59
N GLU B 106 11.12 -8.09 9.67
CA GLU B 106 12.13 -7.13 10.04
C GLU B 106 12.11 -5.99 9.07
N VAL B 107 12.24 -4.79 9.60
CA VAL B 107 12.36 -3.60 8.75
C VAL B 107 13.65 -2.91 9.17
N VAL B 108 14.50 -2.70 8.17
CA VAL B 108 15.82 -2.12 8.41
C VAL B 108 15.94 -0.79 7.66
N PHE B 109 16.14 0.30 8.40
CA PHE B 109 16.37 1.58 7.71
C PHE B 109 17.88 1.69 7.50
N ILE B 110 18.26 1.96 6.24
CA ILE B 110 19.66 1.88 5.86
C ILE B 110 20.27 3.27 5.79
N GLU B 111 21.59 3.31 5.66
CA GLU B 111 22.34 4.49 5.22
C GLU B 111 23.04 4.11 3.92
N SER B 112 22.83 4.89 2.85
CA SER B 112 23.50 4.64 1.58
C SER B 112 24.03 5.96 1.00
N GLU B 113 24.76 5.92 -0.11
CA GLU B 113 25.32 7.15 -0.69
C GLU B 113 24.33 8.30 -0.73
N HIS B 114 23.14 8.04 -1.28
CA HIS B 114 22.22 9.13 -1.57
C HIS B 114 21.06 9.24 -0.58
N SER B 115 21.14 8.50 0.52
CA SER B 115 20.02 8.38 1.46
C SER B 115 19.98 9.56 2.40
N GLU B 116 18.80 9.89 2.91
CA GLU B 116 18.59 10.94 3.91
C GLU B 116 19.21 10.61 5.29
N ARG B 117 20.18 11.42 5.72
CA ARG B 117 20.92 11.14 6.96
C ARG B 117 20.20 11.78 8.13
N ARG B 118 19.47 10.97 8.88
CA ARG B 118 18.68 11.52 9.97
C ARG B 118 18.40 10.51 11.05
N ARG B 119 18.09 11.00 12.23
CA ARG B 119 17.61 10.19 13.33
C ARG B 119 16.22 9.70 12.91
N ILE B 120 15.95 8.44 13.20
CA ILE B 120 14.66 7.82 12.97
C ILE B 120 13.91 7.81 14.29
N LYS B 121 12.65 8.22 14.23
CA LYS B 121 11.78 8.25 15.40
C LYS B 121 11.33 6.82 15.71
N ALA B 122 12.27 6.05 16.26
CA ALA B 122 12.10 4.63 16.47
C ALA B 122 11.04 4.31 17.54
N GLU B 123 10.94 5.12 18.60
CA GLU B 123 9.86 4.87 19.58
C GLU B 123 8.47 5.00 18.92
N ARG B 124 8.33 6.02 18.11
CA ARG B 124 7.11 6.24 17.35
C ARG B 124 6.76 5.02 16.45
N LEU B 125 7.76 4.50 15.72
CA LEU B 125 7.56 3.39 14.79
C LEU B 125 7.16 2.12 15.52
N GLU B 126 7.79 1.87 16.67
CA GLU B 126 7.34 0.74 17.49
C GLU B 126 5.83 0.87 17.87
N ARG B 127 5.43 2.05 18.32
CA ARG B 127 4.04 2.30 18.72
C ARG B 127 3.09 2.02 17.58
N ILE B 128 3.46 2.50 16.38
CA ILE B 128 2.66 2.22 15.18
C ILE B 128 2.60 0.71 14.88
N ALA B 129 3.74 0.04 15.01
CA ALA B 129 3.82 -1.40 14.77
C ALA B 129 2.90 -2.17 15.71
N ILE B 130 2.96 -1.78 16.98
CA ILE B 130 2.11 -2.35 18.04
C ILE B 130 0.62 -2.11 17.70
N SER B 131 0.25 -0.89 17.28
CA SER B 131 -1.15 -0.65 16.89
C SER B 131 -1.58 -1.54 15.75
N ALA B 132 -0.70 -1.72 14.74
CA ALA B 132 -1.04 -2.53 13.59
C ALA B 132 -1.12 -3.99 13.96
N LYS B 134 -2.09 -5.16 16.89
CA LYS B 134 -3.42 -5.31 17.52
C LYS B 134 -4.60 -5.29 16.54
N GLN B 135 -4.63 -4.30 15.65
CA GLN B 135 -5.69 -4.22 14.63
C GLN B 135 -5.76 -5.48 13.75
N SER B 136 -4.61 -5.99 13.29
CA SER B 136 -4.62 -7.14 12.39
C SER B 136 -4.55 -8.50 13.14
N LEU B 137 -4.70 -8.45 14.46
CA LEU B 137 -4.78 -9.66 15.29
C LEU B 137 -3.54 -10.54 15.14
N LYS B 138 -2.39 -9.92 15.28
CA LYS B 138 -1.12 -10.63 15.25
C LYS B 138 -0.59 -10.67 16.69
N ALA B 139 0.43 -11.49 16.93
CA ALA B 139 0.96 -11.71 18.29
C ALA B 139 2.43 -11.30 18.38
N SER B 140 2.93 -10.73 17.28
CA SER B 140 4.29 -10.20 17.26
C SER B 140 4.37 -8.96 16.32
N PHE B 141 5.42 -8.15 16.49
CA PHE B 141 5.67 -6.99 15.60
C PHE B 141 7.14 -7.11 15.19
N PRO B 142 7.50 -6.56 14.00
CA PRO B 142 8.83 -6.79 13.41
C PRO B 142 9.91 -6.17 14.24
N VAL B 143 11.10 -6.75 14.11
CA VAL B 143 12.30 -6.08 14.52
C VAL B 143 12.47 -4.85 13.66
N ILE B 144 12.75 -3.72 14.29
CA ILE B 144 13.02 -2.47 13.55
C ILE B 144 14.48 -2.01 13.80
N ARG B 145 15.31 -1.98 12.75
CA ARG B 145 16.70 -1.52 12.85
C ARG B 145 16.86 -0.15 12.16
N VAL B 146 17.73 0.66 12.74
CA VAL B 146 17.97 2.04 12.22
C VAL B 146 19.45 2.30 11.89
N ASN B 147 19.69 3.18 10.92
CA ASN B 147 21.02 3.65 10.54
C ASN B 147 21.98 2.53 10.22
N ILE B 148 21.50 1.49 9.55
CA ILE B 148 22.36 0.36 9.19
C ILE B 148 23.05 0.71 7.88
N PRO B 149 24.40 0.58 7.82
CA PRO B 149 25.10 0.80 6.55
C PRO B 149 24.68 -0.20 5.47
N ILE B 150 24.49 0.31 4.27
CA ILE B 150 24.09 -0.56 3.19
C ILE B 150 25.09 -1.72 3.03
N GLN B 151 26.38 -1.44 3.24
CA GLN B 151 27.40 -2.47 2.99
C GLN B 151 27.28 -3.61 4.00
N THR B 152 26.80 -3.29 5.21
CA THR B 152 26.53 -4.32 6.20
C THR B 152 25.39 -5.23 5.72
N VAL B 153 24.31 -4.62 5.22
CA VAL B 153 23.21 -5.40 4.67
C VAL B 153 23.71 -6.26 3.51
N ILE B 154 24.47 -5.67 2.59
CA ILE B 154 25.04 -6.44 1.46
C ILE B 154 25.92 -7.62 1.92
N ALA B 155 26.83 -7.34 2.85
CA ALA B 155 27.86 -8.33 3.22
C ALA B 155 27.34 -9.46 4.12
N ASP B 156 26.51 -9.09 5.11
CA ASP B 156 26.18 -9.95 6.24
C ASP B 156 24.82 -10.65 6.19
N THR B 157 24.00 -10.32 5.20
CA THR B 157 22.74 -11.07 5.02
C THR B 157 23.08 -12.50 4.56
N PRO B 158 22.58 -13.55 5.27
CA PRO B 158 22.93 -14.95 4.97
C PRO B 158 22.69 -15.32 3.50
N LYS B 159 23.58 -16.16 2.95
CA LYS B 159 23.60 -16.46 1.53
C LYS B 159 22.46 -17.42 1.16
N ALA B 160 22.00 -18.18 2.16
CA ALA B 160 20.84 -19.05 2.05
C ALA B 160 19.58 -18.25 1.70
N ALA B 161 19.56 -16.98 2.10
CA ALA B 161 18.41 -16.09 1.88
C ALA B 161 18.41 -15.52 0.46
N VAL B 162 17.24 -15.50 -0.16
CA VAL B 162 17.06 -14.82 -1.42
C VAL B 162 17.28 -13.34 -1.17
N ARG B 163 18.15 -12.71 -1.96
CA ARG B 163 18.51 -11.35 -1.66
C ARG B 163 18.30 -10.54 -2.90
N LEU B 164 17.36 -9.59 -2.83
CA LEU B 164 16.98 -8.80 -4.00
C LEU B 164 17.36 -7.35 -3.78
N ILE B 165 17.91 -6.72 -4.82
CA ILE B 165 18.15 -5.29 -4.77
C ILE B 165 17.30 -4.66 -5.86
N ALA B 166 16.35 -3.83 -5.46
CA ALA B 166 15.46 -3.18 -6.42
C ALA B 166 16.07 -1.86 -6.87
N TYR B 167 16.16 -1.65 -8.17
CA TYR B 167 16.58 -0.34 -8.64
C TYR B 167 15.83 -0.03 -9.93
N VAL B 168 15.65 1.25 -10.22
CA VAL B 168 14.82 1.60 -11.37
C VAL B 168 15.49 2.53 -12.38
N ASP B 169 16.24 3.52 -11.89
CA ASP B 169 16.56 4.70 -12.69
C ASP B 169 17.49 4.42 -13.89
N GLU B 170 17.40 5.30 -14.88
CA GLU B 170 18.03 5.15 -16.20
C GLU B 170 19.55 5.01 -16.17
N ALA B 171 20.23 5.96 -15.53
CA ALA B 171 21.70 5.96 -15.43
C ALA B 171 22.24 4.65 -14.84
N VAL B 172 21.57 4.13 -13.81
CA VAL B 172 21.98 2.89 -13.16
C VAL B 172 21.82 1.64 -14.09
N ARG B 173 20.65 1.48 -14.69
CA ARG B 173 20.36 0.33 -15.57
C ARG B 173 21.35 0.17 -16.74
N GLY B 179 20.61 -7.11 -16.94
CA GLY B 179 19.16 -6.91 -16.91
C GLY B 179 18.49 -7.30 -15.59
N ARG B 180 17.36 -6.68 -15.29
CA ARG B 180 16.60 -7.00 -14.08
C ARG B 180 15.55 -8.08 -14.35
N GLY B 181 15.29 -8.93 -13.37
CA GLY B 181 14.14 -9.82 -13.43
C GLY B 181 13.05 -9.25 -12.55
N TYR B 182 12.13 -10.11 -12.16
CA TYR B 182 11.11 -9.76 -11.20
C TYR B 182 11.37 -10.62 -10.01
N PRO B 183 10.85 -10.20 -8.85
CA PRO B 183 11.06 -11.03 -7.68
C PRO B 183 10.64 -12.47 -7.90
N SER B 184 9.70 -12.74 -8.80
CA SER B 184 9.29 -14.14 -9.03
C SER B 184 10.35 -14.99 -9.79
N ASP B 185 11.31 -14.34 -10.44
CA ASP B 185 12.41 -15.09 -11.10
C ASP B 185 13.43 -15.59 -10.08
N PHE B 186 13.32 -15.20 -8.82
CA PHE B 186 14.39 -15.47 -7.85
C PHE B 186 13.91 -16.03 -6.56
N TYR B 187 12.70 -15.67 -6.16
CA TYR B 187 12.19 -16.15 -4.88
C TYR B 187 11.24 -17.31 -5.10
N HIS B 188 11.45 -18.38 -4.34
CA HIS B 188 10.45 -19.44 -4.30
C HIS B 188 10.29 -19.75 -2.82
N VAL B 189 9.10 -20.20 -2.44
CA VAL B 189 8.76 -20.42 -1.04
C VAL B 189 9.68 -21.46 -0.45
N GLY B 190 9.92 -21.36 0.86
CA GLY B 190 10.88 -22.23 1.54
C GLY B 190 12.13 -21.49 1.97
N GLN B 191 12.42 -20.36 1.31
CA GLN B 191 13.64 -19.58 1.57
C GLN B 191 13.31 -18.21 2.16
N ASP B 192 14.19 -17.71 3.03
CA ASP B 192 14.07 -16.39 3.61
C ASP B 192 14.28 -15.35 2.52
N VAL B 193 13.81 -14.12 2.71
CA VAL B 193 13.98 -13.09 1.66
C VAL B 193 14.25 -11.75 2.26
N LEU B 194 15.19 -11.02 1.68
CA LEU B 194 15.42 -9.65 2.07
C LEU B 194 15.39 -8.84 0.79
N ILE B 195 14.66 -7.73 0.81
CA ILE B 195 14.63 -6.84 -0.36
C ILE B 195 15.18 -5.49 0.04
N LEU B 196 16.14 -5.03 -0.74
CA LEU B 196 16.87 -3.81 -0.53
C LEU B 196 16.25 -2.75 -1.42
N ILE B 197 15.79 -1.67 -0.80
CA ILE B 197 15.17 -0.59 -1.52
C ILE B 197 15.85 0.73 -1.24
N GLY B 198 16.18 1.45 -2.32
CA GLY B 198 16.99 2.64 -2.22
C GLY B 198 16.22 3.92 -2.03
N PRO B 199 16.97 5.02 -1.84
CA PRO B 199 16.43 6.36 -1.69
C PRO B 199 15.89 6.89 -3.02
N GLU B 200 15.25 8.06 -2.95
CA GLU B 200 14.87 8.86 -4.14
C GLU B 200 15.93 8.91 -5.25
N GLY B 201 17.19 9.17 -4.88
CA GLY B 201 18.27 9.18 -5.86
C GLY B 201 18.71 7.81 -6.31
N ASP B 202 18.12 6.77 -5.72
CA ASP B 202 18.42 5.37 -6.03
C ASP B 202 19.81 5.00 -5.51
N PHE B 203 20.11 3.71 -5.55
CA PHE B 203 21.46 3.22 -5.26
C PHE B 203 22.44 3.70 -6.34
N SER B 204 23.66 4.01 -5.94
CA SER B 204 24.72 4.33 -6.90
C SER B 204 25.13 3.06 -7.67
N PRO B 205 25.79 3.22 -8.85
CA PRO B 205 26.29 2.06 -9.59
C PRO B 205 27.12 1.10 -8.74
N SER B 206 28.07 1.63 -7.96
CA SER B 206 28.96 0.80 -7.14
C SER B 206 28.26 0.02 -6.01
N GLU B 207 27.16 0.57 -5.51
CA GLU B 207 26.36 -0.14 -4.52
C GLU B 207 25.70 -1.33 -5.20
N VAL B 208 25.16 -1.10 -6.39
CA VAL B 208 24.58 -2.18 -7.17
C VAL B 208 25.65 -3.27 -7.42
N GLU B 209 26.78 -2.87 -8.02
CA GLU B 209 27.94 -3.77 -8.26
C GLU B 209 28.30 -4.58 -7.01
N SER B 210 28.50 -3.89 -5.89
CA SER B 210 28.84 -4.56 -4.61
C SER B 210 27.77 -5.60 -4.22
N ALA B 211 26.49 -5.21 -4.29
CA ALA B 211 25.39 -6.10 -3.96
C ALA B 211 25.38 -7.30 -4.88
N LEU B 212 25.51 -7.03 -6.18
CA LEU B 212 25.59 -8.06 -7.21
C LEU B 212 26.81 -8.97 -7.04
N LEU B 213 27.95 -8.41 -6.65
CA LEU B 213 29.11 -9.26 -6.26
C LEU B 213 28.77 -10.22 -5.12
N ALA B 214 27.98 -9.76 -4.14
CA ALA B 214 27.68 -10.54 -2.95
C ALA B 214 26.61 -11.61 -3.20
N GLY B 215 25.94 -11.51 -4.35
CA GLY B 215 24.97 -12.50 -4.74
C GLY B 215 23.52 -12.02 -4.75
N PHE B 216 23.33 -10.71 -4.63
CA PHE B 216 22.00 -10.13 -4.70
C PHE B 216 21.53 -10.17 -6.14
N ALA B 217 20.22 -10.33 -6.33
CA ALA B 217 19.62 -10.32 -7.65
C ALA B 217 18.96 -8.97 -7.96
N PRO B 218 19.24 -8.41 -9.16
CA PRO B 218 18.67 -7.10 -9.49
C PRO B 218 17.20 -7.29 -9.87
N VAL B 219 16.28 -6.57 -9.21
CA VAL B 219 14.84 -6.73 -9.55
C VAL B 219 14.19 -5.44 -9.95
N SER B 220 13.17 -5.57 -10.79
CA SER B 220 12.17 -4.55 -11.00
C SER B 220 10.92 -4.93 -10.22
N LEU B 221 10.22 -3.93 -9.68
CA LEU B 221 9.01 -4.13 -8.90
C LEU B 221 7.78 -3.90 -9.77
N GLY B 222 8.03 -3.52 -11.02
CA GLY B 222 6.98 -3.17 -11.95
C GLY B 222 7.44 -2.06 -12.88
N GLU B 223 6.54 -1.60 -13.73
CA GLU B 223 6.90 -0.57 -14.70
C GLU B 223 6.57 0.85 -14.17
N SER B 224 5.72 0.96 -13.14
CA SER B 224 5.35 2.25 -12.51
C SER B 224 6.47 2.85 -11.62
N ARG B 225 6.51 4.19 -11.56
CA ARG B 225 7.48 4.93 -10.72
C ARG B 225 6.86 5.04 -9.34
N LEU B 226 7.53 4.43 -8.36
CA LEU B 226 7.01 4.39 -7.00
C LEU B 226 7.85 5.26 -6.06
N ARG B 227 7.19 5.98 -5.17
CA ARG B 227 7.87 6.54 -4.02
C ARG B 227 8.50 5.39 -3.21
N THR B 228 9.60 5.74 -2.52
CA THR B 228 10.23 4.82 -1.58
C THR B 228 9.24 4.07 -0.70
N GLU B 229 8.30 4.75 -0.07
CA GLU B 229 7.42 4.07 0.86
C GLU B 229 6.49 3.04 0.15
N THR B 230 6.13 3.36 -1.09
CA THR B 230 5.23 2.55 -1.90
C THR B 230 6.01 1.33 -2.37
N ALA B 231 7.28 1.54 -2.69
CA ALA B 231 8.13 0.42 -3.14
C ALA B 231 8.31 -0.58 -2.00
N GLY B 232 8.40 -0.09 -0.77
CA GLY B 232 8.51 -0.99 0.42
C GLY B 232 7.28 -1.89 0.46
N LEU B 233 6.11 -1.29 0.33
CA LEU B 233 4.86 -2.05 0.44
C LEU B 233 4.72 -3.04 -0.69
N VAL B 234 5.01 -2.57 -1.90
CA VAL B 234 4.92 -3.40 -3.10
C VAL B 234 5.86 -4.60 -3.03
N ALA B 235 7.08 -4.38 -2.56
CA ALA B 235 8.04 -5.49 -2.48
C ALA B 235 7.54 -6.55 -1.51
N CYS B 236 7.05 -6.10 -0.37
CA CYS B 236 6.53 -7.01 0.64
C CYS B 236 5.33 -7.79 0.11
N GLN B 237 4.43 -7.09 -0.56
CA GLN B 237 3.28 -7.76 -1.13
C GLN B 237 3.61 -8.76 -2.24
N TRP B 238 4.61 -8.43 -3.07
CA TRP B 238 5.16 -9.40 -4.04
C TRP B 238 5.41 -10.77 -3.39
N ILE B 239 6.13 -10.74 -2.28
CA ILE B 239 6.40 -11.98 -1.52
C ILE B 239 5.12 -12.69 -1.09
N HIS B 240 4.19 -11.95 -0.49
CA HIS B 240 2.94 -12.60 -0.05
C HIS B 240 2.14 -13.21 -1.19
N THR B 241 2.08 -12.47 -2.29
CA THR B 241 1.41 -12.93 -3.50
C THR B 241 2.02 -14.21 -4.04
N LEU B 242 3.35 -14.24 -4.07
CA LEU B 242 4.04 -15.44 -4.54
C LEU B 242 3.75 -16.62 -3.63
N GLN B 243 3.65 -16.37 -2.33
CA GLN B 243 3.35 -17.45 -1.38
C GLN B 243 1.94 -17.99 -1.55
N ALA B 244 1.00 -17.12 -1.90
CA ALA B 244 -0.40 -17.52 -2.01
C ALA B 244 -0.59 -18.34 -3.27
N CYS B 245 0.00 -17.86 -4.37
CA CYS B 245 -0.02 -18.61 -5.62
C CYS B 245 0.45 -20.07 -5.46
N TYR B 246 1.34 -20.35 -4.53
CA TYR B 246 1.92 -21.70 -4.41
C TYR B 246 1.42 -22.53 -3.21
N ARG B 247 0.35 -22.07 -2.55
CA ARG B 247 -0.29 -22.85 -1.48
C ARG B 247 -1.02 -24.06 -2.04
#